data_8HTT
#
_entry.id   8HTT
#
_cell.length_a   1.00
_cell.length_b   1.00
_cell.length_c   1.00
_cell.angle_alpha   90.00
_cell.angle_beta   90.00
_cell.angle_gamma   90.00
#
_symmetry.space_group_name_H-M   'P 1'
#
loop_
_entity.id
_entity.type
_entity.pdbx_description
1 polymer 'Transmembrane protein 87A,EGFP'
2 branched 2-acetamido-2-deoxy-beta-D-glucopyranose-(1-4)-2-acetamido-2-deoxy-beta-D-glucopyranose
3 branched beta-D-mannopyranose-(1-4)-2-acetamido-2-deoxy-beta-D-glucopyranose-(1-4)-2-acetamido-2-deoxy-beta-D-glucopyranose
4 non-polymer 'D-gluconic acid'
#
_entity_poly.entity_id   1
_entity_poly.type   'polypeptide(L)'
_entity_poly.pdbx_seq_one_letter_code
;MAAAAWLQVLPVILLLLGAHPSPLSFFSAGPATVAAADRSKWHIPIPSGKNYFSFGKILFRNTTIFLKFDGEPCDLSLNI
TWYLKSADCYNEIYNFKAEEVELYLEKLKEKRGLSGKYQTSSKLFQNCSELFKTQTFSGDFMHRLPLLGEKQEAKENGTN
LTFIGDKTAMHEPLQTWQDAPYIFIVHIGISSSKESSKENSLSNLFTMTVEVKGPYEYLTLEDYPLMIFFMVMCIVYVLF
GVLWLAWSACYWRDLLRIQFWIGAVIFLGMLEKAVFYAEFQNIRYKGESVQGALILAELLSAVKRSLARTLVIIVSLGYG
IVKPRLGVTLHKVVVAGALYLLFSGMEGVLRVTGAQTDLASLAFIPLAFLDTALCWWIFISLTQTMKLLKLRRNIVKLSL
YRHFTNTLILAVAASIVFIIWTTMKFRIVTCQSDWRELWVDDAIWRLLFSMILFVIMVLWRPSANNQRFAFSPLSEEEEE
DEQKEPMLKESFEGMKMRSTKQEPNGNSKVNKAQEDDLKWVEENVPSSVTDVALPALLDSDEERMITHFERSKMELKENL
YFQGGTLEVLFQGPNPAFLYKVVDPVVSKGEELFTGVVPILVELDGDVNGHKFSVSGEGEGDATYGKLTLKFICTTGKLP
VPWPTLVTTLTYGVQCFSRYPDHMKQHDFFKSAMPEGYVQERTIFFKDDGNYKTRAEVKFEGDTLVNRIELKGIDFKEDG
NILGHKLEYNYNSHNVYIMADKQKNGIKVNFKIRHNIEDGSVQLADHYQQNTPIGDGPVLLPDNHYLSTQSALSKDPNEK
RDHMVLLEFVTAAGITLGMDELYKEFLVPRGSSRSAWSHPQFEKGGGSGGGSGGSAWSHPQFEK
;
_entity_poly.pdbx_strand_id   B
#
loop_
_chem_comp.id
_chem_comp.type
_chem_comp.name
_chem_comp.formula
BMA D-saccharide, beta linking beta-D-mannopyranose 'C6 H12 O6'
GCO D-saccharide 'D-gluconic acid' 'C6 H12 O7'
NAG D-saccharide, beta linking 2-acetamido-2-deoxy-beta-D-glucopyranose 'C8 H15 N O6'
#
# COMPACT_ATOMS: atom_id res chain seq x y z
N ASP A 38 -9.19 -1.37 -8.94
CA ASP A 38 -8.00 -0.81 -9.58
C ASP A 38 -7.71 -1.53 -10.90
N ARG A 39 -8.72 -1.62 -11.76
CA ARG A 39 -8.61 -2.31 -13.03
C ARG A 39 -8.42 -1.30 -14.15
N SER A 40 -8.28 -1.82 -15.37
CA SER A 40 -8.20 -0.99 -16.57
C SER A 40 -9.07 -1.50 -17.71
N LYS A 41 -9.70 -2.66 -17.57
CA LYS A 41 -10.58 -3.22 -18.58
C LYS A 41 -11.90 -3.60 -17.92
N TRP A 42 -13.00 -3.31 -18.62
CA TRP A 42 -14.33 -3.58 -18.09
C TRP A 42 -15.14 -4.38 -19.09
N HIS A 43 -15.72 -5.49 -18.64
CA HIS A 43 -16.65 -6.28 -19.41
C HIS A 43 -18.01 -6.19 -18.74
N ILE A 44 -19.03 -5.77 -19.49
CA ILE A 44 -20.32 -5.51 -18.88
C ILE A 44 -21.47 -6.01 -19.75
N PRO A 45 -22.38 -6.83 -19.22
CA PRO A 45 -23.62 -7.12 -19.95
C PRO A 45 -24.57 -5.93 -19.88
N ILE A 46 -24.75 -5.24 -21.00
CA ILE A 46 -25.49 -3.96 -20.97
C ILE A 46 -26.90 -4.13 -20.44
N PRO A 47 -27.63 -5.10 -20.73
CA PRO A 47 -29.02 -5.19 -20.23
C PRO A 47 -29.07 -5.55 -18.75
N SER A 48 -28.71 -4.65 -17.99
CA SER A 48 -28.67 -4.92 -16.55
C SER A 48 -28.91 -3.61 -15.81
N GLY A 49 -29.98 -3.58 -15.01
CA GLY A 49 -30.26 -2.40 -14.20
C GLY A 49 -30.53 -1.19 -15.06
N LYS A 50 -30.10 -0.03 -14.57
CA LYS A 50 -30.29 1.23 -15.28
C LYS A 50 -29.42 1.35 -16.52
N ASN A 51 -28.46 0.45 -16.70
CA ASN A 51 -27.53 0.41 -17.84
C ASN A 51 -26.44 1.46 -17.73
N TYR A 52 -26.50 2.36 -16.75
CA TYR A 52 -25.46 3.36 -16.60
C TYR A 52 -24.15 2.70 -16.18
N PHE A 53 -23.06 3.07 -16.84
CA PHE A 53 -21.73 2.60 -16.49
C PHE A 53 -20.83 3.81 -16.25
N SER A 54 -20.29 3.92 -15.05
CA SER A 54 -19.48 5.08 -14.69
C SER A 54 -18.24 4.64 -13.95
N PHE A 55 -17.19 5.43 -14.08
CA PHE A 55 -15.95 5.18 -13.34
C PHE A 55 -15.20 6.50 -13.14
N GLY A 56 -14.65 6.67 -11.95
CA GLY A 56 -13.84 7.84 -11.65
C GLY A 56 -12.42 7.46 -11.32
N LYS A 57 -11.47 7.98 -12.09
CA LYS A 57 -10.08 7.60 -11.95
C LYS A 57 -9.20 8.84 -12.11
N ILE A 58 -7.90 8.62 -12.20
CA ILE A 58 -6.93 9.68 -12.49
C ILE A 58 -6.05 9.18 -13.62
N LEU A 59 -5.99 9.92 -14.72
CA LEU A 59 -5.37 9.44 -15.94
C LEU A 59 -4.27 10.40 -16.40
N PHE A 60 -3.39 9.88 -17.24
CA PHE A 60 -2.35 10.68 -17.85
C PHE A 60 -2.96 11.65 -18.85
N ARG A 61 -2.10 12.43 -19.50
CA ARG A 61 -2.54 13.33 -20.56
C ARG A 61 -2.42 12.61 -21.90
N ASN A 62 -3.39 12.87 -22.78
CA ASN A 62 -3.44 12.22 -24.09
C ASN A 62 -3.61 10.70 -23.93
N THR A 63 -4.70 10.33 -23.28
CA THR A 63 -5.05 8.93 -23.06
C THR A 63 -6.34 8.61 -23.77
N THR A 64 -6.32 7.58 -24.62
CA THR A 64 -7.48 7.20 -25.40
C THR A 64 -8.34 6.21 -24.64
N ILE A 65 -9.63 6.18 -25.00
CA ILE A 65 -10.59 5.25 -24.44
C ILE A 65 -11.22 4.47 -25.59
N PHE A 66 -11.26 3.15 -25.45
CA PHE A 66 -11.76 2.26 -26.49
C PHE A 66 -13.04 1.60 -26.03
N LEU A 67 -14.04 1.58 -26.91
CA LEU A 67 -15.32 0.94 -26.64
C LEU A 67 -15.61 -0.09 -27.73
N LYS A 68 -16.02 -1.28 -27.32
CA LYS A 68 -16.33 -2.35 -28.26
C LYS A 68 -17.62 -3.03 -27.83
N PHE A 69 -18.32 -3.60 -28.81
CA PHE A 69 -19.60 -4.25 -28.58
C PHE A 69 -19.62 -5.61 -29.25
N ASP A 70 -20.19 -6.60 -28.58
CA ASP A 70 -20.32 -7.94 -29.16
C ASP A 70 -21.61 -8.57 -28.70
N GLY A 71 -22.06 -9.58 -29.43
CA GLY A 71 -23.24 -10.32 -28.98
C GLY A 71 -24.08 -10.78 -30.15
N GLU A 72 -25.36 -10.98 -29.86
CA GLU A 72 -26.33 -11.53 -30.80
C GLU A 72 -26.78 -10.46 -31.79
N PRO A 73 -27.32 -10.87 -32.94
CA PRO A 73 -27.82 -9.90 -33.93
C PRO A 73 -28.78 -8.91 -33.30
N CYS A 74 -29.07 -7.86 -34.09
CA CYS A 74 -29.80 -6.68 -33.64
C CYS A 74 -31.20 -6.63 -34.21
N ASP A 75 -32.15 -6.17 -33.40
CA ASP A 75 -33.54 -6.02 -33.85
C ASP A 75 -34.22 -4.77 -33.31
N LEU A 76 -33.52 -3.90 -32.57
CA LEU A 76 -34.16 -2.75 -31.94
C LEU A 76 -33.22 -1.56 -31.97
N SER A 77 -33.78 -0.38 -31.67
CA SER A 77 -33.05 0.87 -31.76
C SER A 77 -32.26 1.15 -30.49
N LEU A 78 -31.07 1.71 -30.65
CA LEU A 78 -30.17 2.01 -29.55
C LEU A 78 -29.80 3.49 -29.55
N ASN A 79 -29.65 4.06 -28.36
CA ASN A 79 -29.21 5.44 -28.18
C ASN A 79 -28.09 5.44 -27.15
N ILE A 80 -26.96 6.07 -27.50
CA ILE A 80 -25.78 6.09 -26.66
C ILE A 80 -25.48 7.53 -26.27
N THR A 81 -25.19 7.74 -24.99
CA THR A 81 -24.83 9.07 -24.51
C THR A 81 -23.67 8.96 -23.55
N TRP A 82 -22.57 9.65 -23.84
CA TRP A 82 -21.37 9.56 -23.01
C TRP A 82 -20.90 10.94 -22.58
N TYR A 83 -20.54 11.04 -21.31
CA TYR A 83 -20.02 12.25 -20.69
C TYR A 83 -18.64 11.97 -20.11
N LEU A 84 -17.72 12.91 -20.28
CA LEU A 84 -16.38 12.83 -19.71
C LEU A 84 -16.09 14.16 -19.04
N LYS A 85 -15.98 14.15 -17.71
CA LYS A 85 -15.83 15.38 -16.94
C LYS A 85 -14.48 15.41 -16.24
N SER A 86 -13.77 16.53 -16.36
CA SER A 86 -12.54 16.75 -15.63
C SER A 86 -12.86 17.08 -14.17
N ALA A 87 -11.82 17.05 -13.33
CA ALA A 87 -11.96 17.28 -11.91
C ALA A 87 -11.04 18.42 -11.49
N ASP A 88 -11.56 19.31 -10.64
CA ASP A 88 -10.76 20.40 -10.10
C ASP A 88 -9.97 19.98 -8.87
N CYS A 89 -10.66 19.45 -7.85
CA CYS A 89 -10.01 18.91 -6.67
C CYS A 89 -10.55 17.51 -6.41
N TYR A 90 -9.69 16.68 -5.82
CA TYR A 90 -9.89 15.23 -5.82
C TYR A 90 -11.11 14.79 -5.00
N ASN A 91 -11.60 15.62 -4.08
CA ASN A 91 -12.64 15.15 -3.16
C ASN A 91 -13.81 14.51 -3.91
N GLU A 92 -14.25 15.14 -4.99
CA GLU A 92 -15.43 14.64 -5.70
C GLU A 92 -15.23 13.20 -6.17
N ILE A 93 -14.03 12.87 -6.65
CA ILE A 93 -13.77 11.49 -7.06
C ILE A 93 -13.90 10.55 -5.87
N TYR A 94 -13.36 10.95 -4.72
CA TYR A 94 -13.37 10.08 -3.55
C TYR A 94 -14.79 9.80 -3.08
N ASN A 95 -15.64 10.83 -3.07
CA ASN A 95 -17.01 10.71 -2.57
C ASN A 95 -18.02 10.48 -3.69
N PHE A 96 -17.56 10.23 -4.91
CA PHE A 96 -18.47 9.98 -6.02
C PHE A 96 -19.21 8.66 -5.78
N LYS A 97 -20.53 8.72 -5.69
CA LYS A 97 -21.36 7.55 -5.48
C LYS A 97 -22.19 7.29 -6.73
N ALA A 98 -22.08 6.08 -7.27
CA ALA A 98 -22.81 5.73 -8.49
C ALA A 98 -24.32 5.64 -8.27
N GLU A 99 -24.75 5.41 -7.02
CA GLU A 99 -26.17 5.23 -6.76
C GLU A 99 -26.99 6.43 -7.19
N GLU A 100 -26.42 7.63 -7.11
CA GLU A 100 -27.11 8.85 -7.52
C GLU A 100 -26.56 9.39 -8.84
N VAL A 101 -26.04 8.60 -9.76
CA VAL A 101 -25.49 9.07 -11.03
C VAL A 101 -26.57 9.75 -11.86
N GLU A 102 -27.65 9.06 -11.82
CA GLU A 102 -28.74 9.67 -12.56
C GLU A 102 -28.98 11.10 -12.12
N LEU A 103 -28.92 11.37 -10.81
CA LEU A 103 -29.02 12.75 -10.34
C LEU A 103 -27.75 13.53 -10.65
N TYR A 104 -26.59 12.92 -10.41
CA TYR A 104 -25.34 13.65 -10.63
C TYR A 104 -25.29 14.25 -12.04
N LEU A 105 -25.68 13.47 -13.05
CA LEU A 105 -25.69 14.00 -14.41
C LEU A 105 -26.52 15.28 -14.48
N GLU A 106 -27.76 15.22 -14.00
CA GLU A 106 -28.57 16.45 -13.98
C GLU A 106 -27.96 17.48 -13.06
N LYS A 107 -27.33 17.05 -11.96
CA LYS A 107 -26.62 17.99 -11.12
C LYS A 107 -25.54 18.73 -11.89
N LEU A 108 -24.93 18.07 -12.89
CA LEU A 108 -23.98 18.76 -13.75
C LEU A 108 -24.67 19.69 -14.73
N LYS A 109 -25.88 19.33 -15.18
CA LYS A 109 -26.59 20.16 -16.14
C LYS A 109 -27.11 21.44 -15.50
N GLU A 110 -27.51 21.37 -14.23
CA GLU A 110 -28.11 22.51 -13.55
C GLU A 110 -27.08 23.50 -13.02
N LYS A 111 -25.80 23.19 -13.11
CA LYS A 111 -24.69 24.07 -12.74
C LYS A 111 -24.46 24.15 -11.23
N ARG A 112 -25.25 23.46 -10.42
CA ARG A 112 -24.98 23.37 -8.98
C ARG A 112 -24.08 22.19 -8.63
N GLY A 113 -23.25 21.75 -9.57
CA GLY A 113 -22.26 20.72 -9.27
C GLY A 113 -20.94 21.31 -8.88
N LEU A 114 -19.95 21.26 -9.78
CA LEU A 114 -18.64 21.84 -9.55
C LEU A 114 -18.04 22.30 -10.87
N SER A 115 -17.03 23.15 -10.77
CA SER A 115 -16.36 23.67 -11.95
C SER A 115 -15.57 22.56 -12.65
N GLY A 116 -15.22 22.82 -13.91
CA GLY A 116 -14.47 21.87 -14.71
C GLY A 116 -15.14 21.57 -16.02
N LYS A 117 -14.42 21.79 -17.12
CA LYS A 117 -14.99 21.55 -18.44
C LYS A 117 -15.22 20.06 -18.66
N TYR A 118 -16.18 19.75 -19.53
CA TYR A 118 -16.55 18.37 -19.81
C TYR A 118 -16.90 18.26 -21.29
N GLN A 119 -16.78 17.03 -21.80
CA GLN A 119 -17.13 16.71 -23.17
C GLN A 119 -18.27 15.71 -23.17
N THR A 120 -19.34 16.05 -23.89
CA THR A 120 -20.52 15.21 -23.97
C THR A 120 -20.83 14.90 -25.42
N SER A 121 -21.37 13.70 -25.65
CA SER A 121 -21.77 13.34 -27.00
C SER A 121 -22.87 12.29 -26.94
N SER A 122 -23.59 12.16 -28.05
CA SER A 122 -24.66 11.19 -28.17
C SER A 122 -24.76 10.71 -29.61
N LYS A 123 -25.33 9.53 -29.78
CA LYS A 123 -25.47 8.93 -31.10
C LYS A 123 -26.67 7.99 -31.10
N LEU A 124 -27.19 7.73 -32.30
CA LEU A 124 -28.31 6.85 -32.51
C LEU A 124 -27.92 5.71 -33.46
N PHE A 125 -28.45 4.52 -33.20
CA PHE A 125 -28.22 3.37 -34.04
C PHE A 125 -29.55 2.69 -34.32
N GLN A 126 -29.83 2.40 -35.58
CA GLN A 126 -31.12 1.84 -35.96
C GLN A 126 -31.39 0.56 -35.20
N ASN A 127 -30.60 -0.48 -35.49
CA ASN A 127 -30.71 -1.77 -34.82
C ASN A 127 -29.45 -2.18 -34.07
N CYS A 128 -28.31 -2.34 -34.73
CA CYS A 128 -27.06 -2.52 -33.99
C CYS A 128 -25.90 -1.68 -34.52
N SER A 129 -25.81 -1.72 -35.95
CA SER A 129 -24.61 -1.15 -36.57
C SER A 129 -23.37 -1.53 -35.76
N GLU A 130 -23.25 -2.70 -35.30
CA GLU A 130 -22.24 -3.15 -34.35
C GLU A 130 -20.83 -2.91 -34.88
N LEU A 131 -20.61 -3.19 -36.17
CA LEU A 131 -19.32 -2.92 -36.81
C LEU A 131 -19.20 -1.42 -37.03
N PHE A 132 -18.87 -0.71 -35.95
CA PHE A 132 -18.83 0.74 -35.95
C PHE A 132 -17.42 1.21 -35.59
N LYS A 133 -17.04 2.36 -36.12
CA LYS A 133 -15.64 2.80 -36.12
C LYS A 133 -15.34 3.90 -35.11
N THR A 134 -16.04 5.04 -35.17
CA THR A 134 -15.60 6.20 -34.41
C THR A 134 -15.63 5.94 -32.91
N GLN A 135 -16.69 5.30 -32.42
CA GLN A 135 -16.78 4.98 -31.01
C GLN A 135 -15.80 3.87 -30.63
N PRO A 173 -12.35 14.49 -29.74
CA PRO A 173 -13.09 13.23 -29.86
C PRO A 173 -13.37 12.58 -28.52
N LEU A 174 -12.65 11.51 -28.21
CA LEU A 174 -12.84 10.78 -26.95
C LEU A 174 -11.48 10.46 -26.33
N GLN A 175 -10.60 11.44 -26.29
CA GLN A 175 -9.27 11.27 -25.73
C GLN A 175 -8.98 12.36 -24.71
N THR A 176 -8.17 12.02 -23.72
CA THR A 176 -7.82 12.98 -22.67
C THR A 176 -7.06 14.16 -23.26
N TRP A 177 -7.35 15.35 -22.73
CA TRP A 177 -6.63 16.55 -23.14
C TRP A 177 -5.69 17.08 -22.06
N GLN A 178 -5.97 16.83 -20.78
CA GLN A 178 -5.11 17.27 -19.70
C GLN A 178 -5.16 16.22 -18.59
N ASP A 179 -3.99 16.01 -17.96
CA ASP A 179 -3.88 15.00 -16.92
C ASP A 179 -4.47 15.53 -15.62
N ALA A 180 -5.53 14.86 -15.14
CA ALA A 180 -6.20 15.24 -13.92
C ALA A 180 -7.30 14.23 -13.60
N PRO A 181 -7.89 14.27 -12.41
CA PRO A 181 -8.97 13.33 -12.10
C PRO A 181 -10.10 13.45 -13.11
N TYR A 182 -10.64 12.31 -13.51
CA TYR A 182 -11.67 12.24 -14.53
C TYR A 182 -12.81 11.36 -14.07
N ILE A 183 -14.02 11.73 -14.48
CA ILE A 183 -15.23 10.94 -14.27
C ILE A 183 -15.82 10.65 -15.64
N PHE A 184 -15.98 9.36 -15.95
CA PHE A 184 -16.53 8.93 -17.22
C PHE A 184 -17.86 8.24 -16.98
N ILE A 185 -18.87 8.61 -17.77
CA ILE A 185 -20.21 8.03 -17.64
C ILE A 185 -20.74 7.71 -19.03
N VAL A 186 -21.39 6.57 -19.16
CA VAL A 186 -21.99 6.14 -20.42
C VAL A 186 -23.36 5.55 -20.13
N HIS A 187 -24.36 5.95 -20.92
CA HIS A 187 -25.73 5.50 -20.75
C HIS A 187 -26.28 5.00 -22.08
N ILE A 188 -27.02 3.90 -22.03
CA ILE A 188 -27.59 3.26 -23.21
C ILE A 188 -29.11 3.17 -23.03
N GLY A 189 -29.84 3.63 -24.03
CA GLY A 189 -31.29 3.52 -24.06
C GLY A 189 -31.73 2.63 -25.20
N ILE A 190 -32.55 1.64 -24.87
CA ILE A 190 -33.03 0.64 -25.82
C ILE A 190 -34.50 0.89 -26.09
N SER A 191 -34.86 0.98 -27.37
CA SER A 191 -36.24 1.18 -27.78
C SER A 191 -36.64 0.08 -28.76
N SER A 192 -37.80 -0.52 -28.52
CA SER A 192 -38.30 -1.59 -29.37
C SER A 192 -39.62 -1.21 -30.00
N SER A 203 -33.23 -9.74 -20.11
CA SER A 203 -32.45 -10.77 -20.78
C SER A 203 -31.22 -10.16 -21.44
N ASN A 204 -30.06 -10.79 -21.20
CA ASN A 204 -28.82 -10.32 -21.79
C ASN A 204 -28.91 -10.31 -23.32
N LEU A 205 -28.51 -9.20 -23.92
CA LEU A 205 -28.53 -9.06 -25.37
C LEU A 205 -27.15 -8.77 -25.94
N PHE A 206 -26.43 -7.80 -25.36
CA PHE A 206 -25.13 -7.38 -25.86
C PHE A 206 -24.08 -7.53 -24.77
N THR A 207 -22.86 -7.12 -25.10
CA THR A 207 -21.77 -7.09 -24.13
C THR A 207 -20.79 -5.99 -24.54
N MET A 208 -20.49 -5.13 -23.57
CA MET A 208 -19.65 -3.96 -23.77
C MET A 208 -18.27 -4.21 -23.19
N THR A 209 -17.24 -3.82 -23.95
CA THR A 209 -15.86 -3.89 -23.50
C THR A 209 -15.29 -2.48 -23.52
N VAL A 210 -14.80 -2.03 -22.36
CA VAL A 210 -14.27 -0.68 -22.20
C VAL A 210 -12.82 -0.78 -21.78
N GLU A 211 -11.95 -0.05 -22.48
CA GLU A 211 -10.52 -0.06 -22.20
C GLU A 211 -10.00 1.38 -22.17
N VAL A 212 -8.92 1.58 -21.42
CA VAL A 212 -8.25 2.87 -21.34
C VAL A 212 -6.77 2.65 -21.59
N LYS A 213 -6.19 3.44 -22.49
CA LYS A 213 -4.79 3.29 -22.84
C LYS A 213 -4.12 4.64 -22.95
N GLY A 214 -3.07 4.86 -22.16
CA GLY A 214 -2.33 6.10 -22.21
C GLY A 214 -1.01 5.92 -22.91
N PRO A 215 -0.02 6.76 -22.59
CA PRO A 215 1.31 6.57 -23.17
C PRO A 215 1.88 5.21 -22.86
N TYR A 216 1.57 4.66 -21.69
CA TYR A 216 1.90 3.28 -21.36
C TYR A 216 0.69 2.39 -21.61
N GLU A 217 0.94 1.10 -21.80
CA GLU A 217 -0.09 0.20 -22.30
C GLU A 217 -1.34 0.25 -21.44
N TYR A 218 -1.20 0.06 -20.13
CA TYR A 218 -2.35 0.13 -19.24
C TYR A 218 -2.05 0.77 -17.89
N LEU A 219 -0.83 1.28 -17.68
CA LEU A 219 -0.45 1.83 -16.37
C LEU A 219 -0.98 3.25 -16.27
N THR A 220 -2.19 3.39 -15.76
CA THR A 220 -2.75 4.70 -15.51
C THR A 220 -2.00 5.40 -14.39
N LEU A 221 -2.06 6.73 -14.38
CA LEU A 221 -1.40 7.50 -13.35
C LEU A 221 -1.95 7.10 -11.97
N GLU A 222 -1.27 7.56 -10.94
CA GLU A 222 -1.44 7.22 -9.52
C GLU A 222 -0.79 5.87 -9.22
N ASP A 223 -0.21 5.20 -10.22
CA ASP A 223 0.51 3.96 -10.00
C ASP A 223 1.93 3.98 -10.53
N TYR A 224 2.23 4.82 -11.52
CA TYR A 224 3.59 4.89 -12.07
C TYR A 224 4.62 5.18 -10.98
N PRO A 225 4.47 6.25 -10.19
CA PRO A 225 5.42 6.48 -9.11
C PRO A 225 5.49 5.34 -8.12
N LEU A 226 4.36 4.71 -7.81
CA LEU A 226 4.37 3.59 -6.88
C LEU A 226 5.15 2.40 -7.46
N MET A 227 4.98 2.13 -8.75
CA MET A 227 5.73 1.06 -9.38
C MET A 227 7.23 1.36 -9.36
N ILE A 228 7.60 2.60 -9.64
CA ILE A 228 9.02 2.97 -9.58
C ILE A 228 9.56 2.78 -8.17
N PHE A 229 8.77 3.20 -7.17
CA PHE A 229 9.18 3.03 -5.79
C PHE A 229 9.40 1.57 -5.43
N PHE A 230 8.48 0.70 -5.84
CA PHE A 230 8.64 -0.72 -5.54
C PHE A 230 9.85 -1.31 -6.25
N MET A 231 10.11 -0.90 -7.49
CA MET A 231 11.32 -1.38 -8.16
C MET A 231 12.58 -0.97 -7.40
N VAL A 232 12.64 0.30 -6.98
CA VAL A 232 13.81 0.77 -6.26
C VAL A 232 13.97 0.02 -4.94
N MET A 233 12.85 -0.22 -4.24
CA MET A 233 12.92 -0.96 -2.98
C MET A 233 13.37 -2.40 -3.20
N CYS A 234 12.92 -3.02 -4.29
CA CYS A 234 13.40 -4.36 -4.60
C CYS A 234 14.90 -4.36 -4.79
N ILE A 235 15.42 -3.38 -5.53
CA ILE A 235 16.87 -3.30 -5.74
C ILE A 235 17.59 -3.12 -4.41
N VAL A 236 17.08 -2.23 -3.57
CA VAL A 236 17.77 -1.94 -2.31
C VAL A 236 17.77 -3.16 -1.41
N TYR A 237 16.66 -3.88 -1.32
CA TYR A 237 16.63 -5.09 -0.51
C TYR A 237 17.53 -6.18 -1.10
N VAL A 238 17.63 -6.27 -2.42
CA VAL A 238 18.56 -7.23 -3.01
C VAL A 238 19.98 -6.91 -2.57
N LEU A 239 20.35 -5.63 -2.62
CA LEU A 239 21.69 -5.24 -2.17
C LEU A 239 21.89 -5.54 -0.69
N PHE A 240 20.88 -5.26 0.14
CA PHE A 240 20.98 -5.55 1.57
C PHE A 240 21.23 -7.04 1.80
N GLY A 241 20.46 -7.88 1.12
CA GLY A 241 20.64 -9.32 1.27
C GLY A 241 22.02 -9.78 0.82
N VAL A 242 22.50 -9.23 -0.30
CA VAL A 242 23.83 -9.61 -0.78
C VAL A 242 24.88 -9.23 0.25
N LEU A 243 24.78 -8.01 0.80
CA LEU A 243 25.75 -7.59 1.80
C LEU A 243 25.71 -8.47 3.04
N TRP A 244 24.50 -8.81 3.50
CA TRP A 244 24.39 -9.66 4.68
C TRP A 244 24.98 -11.04 4.42
N LEU A 245 24.70 -11.61 3.25
CA LEU A 245 25.25 -12.92 2.93
C LEU A 245 26.77 -12.87 2.86
N ALA A 246 27.32 -11.82 2.24
CA ALA A 246 28.77 -11.71 2.17
C ALA A 246 29.39 -11.59 3.56
N TRP A 247 28.80 -10.75 4.41
CA TRP A 247 29.33 -10.60 5.77
C TRP A 247 29.27 -11.92 6.53
N SER A 248 28.15 -12.63 6.42
CA SER A 248 28.05 -13.92 7.10
C SER A 248 29.10 -14.90 6.58
N ALA A 249 29.30 -14.92 5.27
CA ALA A 249 30.28 -15.83 4.69
C ALA A 249 31.69 -15.51 5.17
N CYS A 250 32.04 -14.23 5.24
CA CYS A 250 33.40 -13.85 5.62
C CYS A 250 33.71 -14.18 7.08
N TYR A 251 32.69 -14.40 7.90
CA TYR A 251 32.87 -14.73 9.32
C TYR A 251 31.95 -15.87 9.72
N TRP A 252 31.93 -16.93 8.91
CA TRP A 252 31.04 -18.06 9.15
C TRP A 252 31.46 -18.90 10.35
N ARG A 253 32.66 -18.68 10.90
CA ARG A 253 33.15 -19.57 11.96
C ARG A 253 32.22 -19.54 13.17
N ASP A 254 31.90 -18.35 13.68
CA ASP A 254 31.04 -18.21 14.84
C ASP A 254 29.96 -17.19 14.54
N LEU A 255 28.73 -17.48 14.94
CA LEU A 255 27.59 -16.61 14.71
C LEU A 255 26.69 -16.62 15.93
N LEU A 256 25.88 -15.59 16.04
CA LEU A 256 24.95 -15.42 17.15
C LEU A 256 23.54 -15.78 16.69
N ARG A 257 22.78 -16.46 17.57
CA ARG A 257 21.42 -16.84 17.22
C ARG A 257 20.57 -15.61 16.92
N ILE A 258 20.71 -14.55 17.73
CA ILE A 258 19.96 -13.33 17.49
C ILE A 258 20.36 -12.72 16.15
N GLN A 259 21.56 -13.04 15.67
CA GLN A 259 22.03 -12.50 14.40
C GLN A 259 21.48 -13.23 13.19
N PHE A 260 20.86 -14.40 13.38
CA PHE A 260 20.31 -15.14 12.25
C PHE A 260 18.99 -14.56 11.76
N TRP A 261 18.15 -14.07 12.68
CA TRP A 261 16.81 -13.62 12.29
C TRP A 261 16.85 -12.38 11.40
N ILE A 262 17.97 -11.66 11.37
CA ILE A 262 18.12 -10.58 10.41
C ILE A 262 17.97 -11.12 9.00
N GLY A 263 18.55 -12.29 8.73
CA GLY A 263 18.39 -12.91 7.43
C GLY A 263 16.94 -13.23 7.12
N ALA A 264 16.20 -13.73 8.12
CA ALA A 264 14.78 -14.02 7.90
C ALA A 264 14.00 -12.76 7.57
N VAL A 265 14.28 -11.67 8.28
CA VAL A 265 13.61 -10.40 8.00
C VAL A 265 13.94 -9.93 6.58
N ILE A 266 15.20 -10.04 6.19
CA ILE A 266 15.60 -9.64 4.85
C ILE A 266 14.88 -10.48 3.80
N PHE A 267 14.77 -11.78 4.05
CA PHE A 267 14.07 -12.67 3.11
C PHE A 267 12.60 -12.29 3.00
N LEU A 268 11.96 -11.98 4.12
CA LEU A 268 10.56 -11.57 4.08
C LEU A 268 10.40 -10.29 3.27
N GLY A 269 11.30 -9.32 3.48
CA GLY A 269 11.24 -8.11 2.68
C GLY A 269 11.42 -8.37 1.19
N MET A 270 12.38 -9.25 0.86
CA MET A 270 12.57 -9.64 -0.53
C MET A 270 11.28 -10.19 -1.13
N LEU A 271 10.64 -11.13 -0.44
CA LEU A 271 9.41 -11.71 -0.96
C LEU A 271 8.33 -10.65 -1.14
N GLU A 272 8.19 -9.76 -0.15
CA GLU A 272 7.16 -8.73 -0.23
C GLU A 272 7.37 -7.83 -1.44
N LYS A 273 8.59 -7.33 -1.61
CA LYS A 273 8.84 -6.42 -2.72
C LYS A 273 8.74 -7.13 -4.06
N ALA A 274 9.16 -8.39 -4.12
CA ALA A 274 9.01 -9.15 -5.36
C ALA A 274 7.55 -9.31 -5.73
N VAL A 275 6.69 -9.61 -4.75
CA VAL A 275 5.27 -9.77 -5.06
C VAL A 275 4.67 -8.44 -5.51
N PHE A 276 5.02 -7.35 -4.83
CA PHE A 276 4.56 -6.03 -5.30
C PHE A 276 4.95 -5.81 -6.76
N TYR A 277 6.23 -5.98 -7.08
CA TYR A 277 6.70 -5.68 -8.43
C TYR A 277 6.02 -6.58 -9.46
N ALA A 278 5.91 -7.87 -9.17
CA ALA A 278 5.27 -8.78 -10.12
C ALA A 278 3.81 -8.40 -10.36
N GLU A 279 3.09 -8.09 -9.28
CA GLU A 279 1.68 -7.72 -9.45
C GLU A 279 1.56 -6.44 -10.27
N PHE A 280 2.40 -5.44 -9.99
CA PHE A 280 2.32 -4.19 -10.73
C PHE A 280 2.65 -4.39 -12.20
N GLN A 281 3.67 -5.20 -12.50
CA GLN A 281 4.01 -5.47 -13.89
C GLN A 281 2.88 -6.17 -14.60
N ASN A 282 2.27 -7.16 -13.94
CA ASN A 282 1.15 -7.87 -14.56
C ASN A 282 -0.01 -6.92 -14.82
N ILE A 283 -0.32 -6.04 -13.86
CA ILE A 283 -1.42 -5.11 -14.07
C ILE A 283 -1.11 -4.16 -15.22
N ARG A 284 0.12 -3.68 -15.31
CA ARG A 284 0.46 -2.76 -16.39
C ARG A 284 0.35 -3.43 -17.75
N TYR A 285 0.86 -4.67 -17.87
CA TYR A 285 0.93 -5.31 -19.17
C TYR A 285 -0.30 -6.13 -19.52
N LYS A 286 -1.26 -6.24 -18.62
CA LYS A 286 -2.48 -7.00 -18.91
C LYS A 286 -3.72 -6.18 -18.61
N GLY A 287 -3.62 -5.28 -17.63
CA GLY A 287 -4.73 -4.44 -17.24
C GLY A 287 -5.61 -4.99 -16.14
N GLU A 288 -5.33 -6.20 -15.65
CA GLU A 288 -6.10 -6.80 -14.57
C GLU A 288 -5.16 -7.16 -13.43
N SER A 289 -5.53 -6.78 -12.22
CA SER A 289 -4.73 -7.09 -11.05
C SER A 289 -4.83 -8.58 -10.70
N VAL A 290 -3.81 -9.07 -10.00
CA VAL A 290 -3.78 -10.47 -9.62
C VAL A 290 -4.94 -10.78 -8.67
N GLN A 291 -5.37 -12.03 -8.67
CA GLN A 291 -6.54 -12.42 -7.88
C GLN A 291 -6.31 -12.18 -6.39
N GLY A 292 -5.17 -12.62 -5.88
CA GLY A 292 -4.92 -12.53 -4.46
C GLY A 292 -3.51 -12.16 -4.08
N ALA A 293 -2.80 -11.48 -4.97
CA ALA A 293 -1.43 -11.05 -4.66
C ALA A 293 -1.42 -10.06 -3.49
N LEU A 294 -2.40 -9.16 -3.44
CA LEU A 294 -2.43 -8.15 -2.39
C LEU A 294 -2.58 -8.78 -1.01
N ILE A 295 -3.43 -9.80 -0.89
CA ILE A 295 -3.64 -10.44 0.41
C ILE A 295 -2.35 -11.08 0.90
N LEU A 296 -1.67 -11.81 0.02
CA LEU A 296 -0.41 -12.45 0.40
C LEU A 296 0.64 -11.41 0.77
N ALA A 297 0.71 -10.32 0.01
CA ALA A 297 1.67 -9.27 0.31
C ALA A 297 1.40 -8.64 1.67
N GLU A 298 0.13 -8.36 1.97
CA GLU A 298 -0.21 -7.80 3.27
C GLU A 298 0.13 -8.76 4.40
N LEU A 299 -0.14 -10.05 4.19
CA LEU A 299 0.22 -11.03 5.21
C LEU A 299 1.72 -11.06 5.45
N LEU A 300 2.51 -11.01 4.37
CA LEU A 300 3.96 -10.99 4.52
C LEU A 300 4.42 -9.74 5.26
N SER A 301 3.83 -8.59 4.94
CA SER A 301 4.20 -7.36 5.63
C SER A 301 3.88 -7.45 7.11
N ALA A 302 2.71 -7.98 7.46
CA ALA A 302 2.34 -8.12 8.86
C ALA A 302 3.30 -9.05 9.58
N VAL A 303 3.65 -10.17 8.94
CA VAL A 303 4.58 -11.12 9.56
C VAL A 303 5.93 -10.47 9.79
N LYS A 304 6.43 -9.73 8.79
CA LYS A 304 7.73 -9.07 8.93
C LYS A 304 7.72 -8.06 10.07
N ARG A 305 6.67 -7.23 10.13
CA ARG A 305 6.61 -6.24 11.21
C ARG A 305 6.52 -6.92 12.58
N SER A 306 5.72 -7.98 12.68
CA SER A 306 5.61 -8.69 13.96
C SER A 306 6.95 -9.28 14.38
N LEU A 307 7.67 -9.88 13.43
CA LEU A 307 8.98 -10.43 13.75
C LEU A 307 9.95 -9.33 14.20
N ALA A 308 9.93 -8.19 13.51
CA ALA A 308 10.80 -7.09 13.92
C ALA A 308 10.47 -6.64 15.34
N ARG A 309 9.18 -6.50 15.65
CA ARG A 309 8.80 -6.06 16.99
C ARG A 309 9.22 -7.05 18.05
N THR A 310 9.02 -8.35 17.80
CA THR A 310 9.40 -9.35 18.78
C THR A 310 10.92 -9.37 18.99
N LEU A 311 11.68 -9.25 17.90
CA LEU A 311 13.14 -9.20 18.04
C LEU A 311 13.57 -7.99 18.84
N VAL A 312 12.95 -6.83 18.59
CA VAL A 312 13.30 -5.64 19.35
C VAL A 312 12.99 -5.84 20.83
N ILE A 313 11.83 -6.43 21.12
CA ILE A 313 11.47 -6.67 22.52
C ILE A 313 12.49 -7.58 23.18
N ILE A 314 12.86 -8.66 22.51
CA ILE A 314 13.79 -9.62 23.12
C ILE A 314 15.15 -8.97 23.35
N VAL A 315 15.64 -8.19 22.38
CA VAL A 315 16.93 -7.54 22.57
C VAL A 315 16.85 -6.54 23.72
N SER A 316 15.75 -5.79 23.80
CA SER A 316 15.60 -4.83 24.89
C SER A 316 15.61 -5.50 26.25
N LEU A 317 14.89 -6.62 26.39
CA LEU A 317 14.86 -7.33 27.66
C LEU A 317 16.23 -7.91 28.02
N GLY A 318 17.14 -7.99 27.07
CA GLY A 318 18.45 -8.54 27.34
C GLY A 318 18.51 -10.05 27.44
N TYR A 319 17.43 -10.73 27.07
CA TYR A 319 17.40 -12.19 27.15
C TYR A 319 18.54 -12.78 26.33
N GLY A 320 19.50 -13.42 26.99
CA GLY A 320 20.64 -14.02 26.34
C GLY A 320 21.78 -13.07 26.07
N ILE A 321 21.63 -11.78 26.36
CA ILE A 321 22.67 -10.79 26.15
C ILE A 321 23.25 -10.29 27.47
N VAL A 322 22.38 -9.88 28.40
CA VAL A 322 22.80 -9.45 29.73
C VAL A 322 22.48 -10.51 30.77
N LYS A 323 21.21 -10.84 30.94
CA LYS A 323 20.81 -11.89 31.85
C LYS A 323 20.79 -13.24 31.13
N PRO A 324 20.89 -14.33 31.87
CA PRO A 324 20.88 -15.65 31.23
C PRO A 324 19.52 -15.97 30.66
N ARG A 325 19.49 -16.98 29.81
CA ARG A 325 18.25 -17.43 29.17
C ARG A 325 17.43 -18.17 30.21
N LEU A 326 16.70 -17.42 31.03
CA LEU A 326 15.91 -18.01 32.08
C LEU A 326 14.79 -18.88 31.48
N GLY A 327 14.30 -19.81 32.31
CA GLY A 327 13.28 -20.74 31.86
C GLY A 327 12.09 -20.08 31.21
N VAL A 328 11.43 -19.14 31.94
CA VAL A 328 10.14 -18.64 31.49
C VAL A 328 10.16 -17.13 31.67
N THR A 329 10.95 -16.48 30.75
CA THR A 329 11.05 -15.03 30.72
C THR A 329 10.38 -14.44 29.49
N LEU A 330 10.59 -15.03 28.33
CA LEU A 330 9.79 -14.73 27.15
C LEU A 330 8.56 -15.62 27.06
N HIS A 331 8.62 -16.82 27.63
CA HIS A 331 7.47 -17.72 27.62
C HIS A 331 6.27 -17.03 28.22
N LYS A 332 5.16 -17.05 27.48
CA LYS A 332 3.91 -16.39 27.85
C LYS A 332 4.02 -14.87 27.86
N VAL A 333 5.19 -14.32 27.51
CA VAL A 333 5.38 -12.87 27.55
C VAL A 333 5.69 -12.35 26.16
N VAL A 334 6.83 -12.76 25.60
CA VAL A 334 7.20 -12.30 24.26
C VAL A 334 6.28 -12.92 23.22
N VAL A 335 6.08 -14.24 23.29
CA VAL A 335 5.18 -14.90 22.35
C VAL A 335 3.75 -14.41 22.56
N ALA A 336 3.31 -14.30 23.82
CA ALA A 336 1.99 -13.76 24.08
C ALA A 336 1.85 -12.34 23.56
N GLY A 337 2.98 -11.66 23.36
CA GLY A 337 3.00 -10.34 22.75
C GLY A 337 2.96 -10.33 21.25
N ALA A 338 2.84 -11.51 20.62
CA ALA A 338 2.74 -11.62 19.18
C ALA A 338 1.32 -11.43 18.67
N LEU A 339 0.34 -11.25 19.56
CA LEU A 339 -1.02 -10.99 19.11
C LEU A 339 -1.10 -9.71 18.29
N TYR A 340 -0.10 -8.85 18.40
CA TYR A 340 -0.01 -7.70 17.51
C TYR A 340 -0.17 -8.11 16.06
N LEU A 341 0.51 -9.19 15.67
CA LEU A 341 0.37 -9.69 14.29
C LEU A 341 -1.09 -9.86 13.92
N LEU A 342 -1.87 -10.47 14.82
CA LEU A 342 -3.30 -10.65 14.53
C LEU A 342 -3.96 -9.33 14.20
N PHE A 343 -3.72 -8.28 15.01
CA PHE A 343 -4.31 -6.99 14.72
C PHE A 343 -3.80 -6.42 13.41
N SER A 344 -2.55 -6.72 13.05
CA SER A 344 -2.06 -6.32 11.74
C SER A 344 -2.80 -7.07 10.64
N GLY A 345 -3.17 -8.32 10.88
CA GLY A 345 -3.89 -9.10 9.89
C GLY A 345 -5.29 -8.63 9.63
N MET A 346 -5.90 -7.91 10.59
CA MET A 346 -7.23 -7.37 10.42
C MET A 346 -7.23 -5.94 9.90
N GLU A 347 -6.06 -5.40 9.57
CA GLU A 347 -5.95 -4.05 9.04
C GLU A 347 -5.48 -4.02 7.59
N GLY A 348 -4.33 -4.64 7.30
CA GLY A 348 -3.79 -4.62 5.95
C GLY A 348 -4.71 -5.25 4.93
N VAL A 349 -5.20 -6.45 5.24
CA VAL A 349 -6.15 -7.12 4.31
C VAL A 349 -7.35 -6.20 4.12
N LEU A 350 -7.97 -5.76 5.21
CA LEU A 350 -9.17 -4.89 5.11
C LEU A 350 -8.81 -3.70 4.22
N ARG A 351 -7.78 -2.94 4.59
CA ARG A 351 -7.37 -1.76 3.80
C ARG A 351 -7.32 -2.16 2.33
N VAL A 352 -6.75 -3.34 2.04
CA VAL A 352 -6.58 -3.74 0.60
C VAL A 352 -7.97 -3.95 0.00
N THR A 353 -8.76 -4.86 0.58
CA THR A 353 -10.14 -5.12 0.07
C THR A 353 -11.11 -4.14 0.74
N GLY A 354 -10.97 -2.85 0.44
CA GLY A 354 -11.83 -1.85 1.06
C GLY A 354 -13.30 -2.19 0.94
N ALA A 355 -13.96 -2.44 2.06
CA ALA A 355 -15.38 -2.74 2.09
C ALA A 355 -16.19 -1.64 2.76
N GLN A 356 -15.58 -0.86 3.64
CA GLN A 356 -16.27 0.24 4.32
C GLN A 356 -17.53 -0.25 5.03
N THR A 357 -17.37 -1.30 5.83
CA THR A 357 -18.46 -1.87 6.61
C THR A 357 -18.53 -1.33 8.02
N ASP A 358 -18.12 -0.08 8.22
CA ASP A 358 -18.08 0.61 9.50
C ASP A 358 -16.87 0.14 10.31
N LEU A 359 -16.08 -0.80 9.79
CA LEU A 359 -14.91 -1.31 10.48
C LEU A 359 -13.60 -0.93 9.80
N ALA A 360 -13.67 -0.30 8.62
CA ALA A 360 -12.44 0.02 7.90
C ALA A 360 -11.58 1.01 8.67
N SER A 361 -12.18 2.12 9.12
CA SER A 361 -11.42 3.13 9.84
C SER A 361 -11.14 2.72 11.28
N LEU A 362 -12.08 2.03 11.91
CA LEU A 362 -11.96 1.71 13.33
C LEU A 362 -10.78 0.79 13.63
N ALA A 363 -10.41 -0.09 12.71
CA ALA A 363 -9.31 -1.02 12.97
C ALA A 363 -7.96 -0.32 13.09
N PHE A 364 -7.86 0.94 12.65
CA PHE A 364 -6.58 1.63 12.67
C PHE A 364 -6.16 2.05 14.07
N ILE A 365 -7.09 2.57 14.87
CA ILE A 365 -6.78 3.16 16.17
C ILE A 365 -6.21 2.11 17.13
N PRO A 366 -6.87 0.98 17.32
CA PRO A 366 -6.38 0.03 18.33
C PRO A 366 -4.97 -0.46 18.07
N LEU A 367 -4.60 -0.68 16.80
CA LEU A 367 -3.24 -1.10 16.50
C LEU A 367 -2.23 -0.02 16.89
N ALA A 368 -2.54 1.24 16.60
CA ALA A 368 -1.65 2.32 17.00
C ALA A 368 -1.52 2.39 18.52
N PHE A 369 -2.63 2.23 19.23
CA PHE A 369 -2.57 2.26 20.70
C PHE A 369 -1.72 1.11 21.23
N LEU A 370 -1.87 -0.08 20.65
CA LEU A 370 -1.05 -1.21 21.07
C LEU A 370 0.43 -0.95 20.80
N ASP A 371 0.74 -0.37 19.64
CA ASP A 371 2.13 -0.04 19.36
C ASP A 371 2.69 0.98 20.34
N THR A 372 1.87 1.97 20.71
CA THR A 372 2.30 2.94 21.71
C THR A 372 2.57 2.27 23.04
N ALA A 373 1.71 1.34 23.45
CA ALA A 373 1.95 0.61 24.69
C ALA A 373 3.23 -0.21 24.60
N LEU A 374 3.48 -0.82 23.44
CA LEU A 374 4.69 -1.61 23.27
C LEU A 374 5.94 -0.73 23.41
N CYS A 375 5.91 0.47 22.82
CA CYS A 375 7.04 1.39 22.98
C CYS A 375 7.18 1.82 24.43
N TRP A 376 6.06 2.07 25.10
CA TRP A 376 6.07 2.39 26.52
C TRP A 376 6.78 1.31 27.33
N TRP A 377 6.50 0.04 27.01
CA TRP A 377 7.20 -1.06 27.66
C TRP A 377 8.68 -1.10 27.30
N ILE A 378 8.98 -0.91 26.01
CA ILE A 378 10.34 -1.08 25.52
C ILE A 378 11.28 -0.08 26.17
N PHE A 379 10.86 1.18 26.26
CA PHE A 379 11.74 2.20 26.81
C PHE A 379 12.04 1.93 28.28
N ILE A 380 11.04 1.53 29.05
CA ILE A 380 11.26 1.22 30.46
C ILE A 380 12.22 0.04 30.59
N SER A 381 12.01 -1.01 29.78
CA SER A 381 12.88 -2.17 29.85
C SER A 381 14.31 -1.79 29.50
N LEU A 382 14.41 -0.90 28.44
CA LEU A 382 15.75 -0.50 28.03
C LEU A 382 16.42 0.34 29.11
N THR A 383 15.75 1.16 29.77
CA THR A 383 16.32 1.95 30.86
C THR A 383 16.77 1.04 32.01
N GLN A 384 15.95 0.05 32.36
CA GLN A 384 16.34 -0.86 33.42
C GLN A 384 17.60 -1.65 33.04
N THR A 385 17.68 -2.10 31.80
CA THR A 385 18.86 -2.84 31.36
C THR A 385 20.10 -1.95 31.40
N MET A 386 19.96 -0.68 31.00
CA MET A 386 21.09 0.24 31.05
C MET A 386 21.55 0.44 32.49
N LYS A 387 20.61 0.59 33.42
CA LYS A 387 20.99 0.69 34.83
C LYS A 387 21.74 -0.55 35.29
N LEU A 388 21.23 -1.74 34.95
CA LEU A 388 21.89 -2.97 35.36
C LEU A 388 23.30 -3.04 34.80
N LEU A 389 23.48 -2.69 33.52
CA LEU A 389 24.81 -2.70 32.93
C LEU A 389 25.72 -1.70 33.62
N LYS A 390 25.22 -0.51 33.95
CA LYS A 390 26.02 0.44 34.70
C LYS A 390 26.44 -0.12 36.05
N LEU A 391 25.60 -0.92 36.68
CA LEU A 391 25.92 -1.44 38.01
C LEU A 391 27.17 -2.29 38.00
N ARG A 392 27.31 -3.18 37.01
CA ARG A 392 28.42 -4.11 36.97
C ARG A 392 29.62 -3.62 36.17
N ARG A 393 29.58 -2.38 35.69
CA ARG A 393 30.72 -1.77 35.02
C ARG A 393 31.11 -2.54 33.75
N ASN A 394 30.17 -2.60 32.81
CA ASN A 394 30.42 -3.16 31.48
C ASN A 394 30.52 -2.02 30.49
N ILE A 395 31.58 -2.03 29.69
CA ILE A 395 31.90 -0.92 28.80
C ILE A 395 31.47 -1.19 27.37
N VAL A 396 31.84 -2.36 26.83
CA VAL A 396 31.60 -2.63 25.42
C VAL A 396 30.11 -2.57 25.10
N LYS A 397 29.29 -3.26 25.90
CA LYS A 397 27.86 -3.31 25.63
C LYS A 397 27.17 -1.99 25.96
N LEU A 398 27.75 -1.18 26.85
CA LEU A 398 27.11 0.08 27.23
C LEU A 398 26.99 1.01 26.03
N SER A 399 28.07 1.16 25.26
CA SER A 399 28.02 2.01 24.08
C SER A 399 27.03 1.47 23.06
N LEU A 400 27.01 0.14 22.87
CA LEU A 400 26.08 -0.45 21.92
C LEU A 400 24.64 -0.17 22.30
N TYR A 401 24.30 -0.33 23.59
CA TYR A 401 22.95 -0.02 24.02
C TYR A 401 22.64 1.47 23.92
N ARG A 402 23.62 2.33 24.18
CA ARG A 402 23.38 3.76 24.01
C ARG A 402 23.05 4.09 22.56
N HIS A 403 23.81 3.53 21.63
CA HIS A 403 23.52 3.75 20.21
C HIS A 403 22.15 3.19 19.83
N PHE A 404 21.83 2.00 20.34
CA PHE A 404 20.54 1.39 20.03
C PHE A 404 19.39 2.26 20.53
N THR A 405 19.48 2.75 21.76
CA THR A 405 18.42 3.58 22.31
C THR A 405 18.31 4.89 21.55
N ASN A 406 19.44 5.50 21.19
CA ASN A 406 19.39 6.74 20.44
C ASN A 406 18.69 6.52 19.09
N THR A 407 19.06 5.45 18.39
CA THR A 407 18.44 5.16 17.11
C THR A 407 16.94 4.92 17.25
N LEU A 408 16.55 4.14 18.26
CA LEU A 408 15.12 3.85 18.45
C LEU A 408 14.34 5.12 18.77
N ILE A 409 14.88 5.97 19.65
CA ILE A 409 14.17 7.20 20.01
C ILE A 409 14.04 8.11 18.80
N LEU A 410 15.12 8.25 18.01
CA LEU A 410 15.03 9.08 16.82
C LEU A 410 14.00 8.54 15.83
N ALA A 411 13.97 7.21 15.66
CA ALA A 411 12.98 6.61 14.78
C ALA A 411 11.56 6.91 15.25
N VAL A 412 11.33 6.79 16.56
CA VAL A 412 9.99 7.06 17.09
C VAL A 412 9.61 8.51 16.86
N ALA A 413 10.53 9.44 17.11
CA ALA A 413 10.23 10.85 16.90
C ALA A 413 9.92 11.13 15.43
N ALA A 414 10.71 10.55 14.52
CA ALA A 414 10.46 10.75 13.10
C ALA A 414 9.10 10.19 12.71
N SER A 415 8.75 9.01 13.24
CA SER A 415 7.46 8.43 12.91
C SER A 415 6.31 9.31 13.39
N ILE A 416 6.42 9.84 14.62
CA ILE A 416 5.36 10.69 15.13
C ILE A 416 5.24 11.96 14.29
N VAL A 417 6.38 12.56 13.92
CA VAL A 417 6.33 13.76 13.10
C VAL A 417 5.67 13.47 11.76
N PHE A 418 6.04 12.35 11.14
CA PHE A 418 5.46 12.00 9.84
C PHE A 418 3.96 11.77 9.95
N ILE A 419 3.51 11.07 11.00
CA ILE A 419 2.08 10.82 11.15
C ILE A 419 1.33 12.13 11.34
N ILE A 420 1.86 13.02 12.17
CA ILE A 420 1.18 14.29 12.40
C ILE A 420 1.12 15.11 11.11
N TRP A 421 2.22 15.14 10.36
CA TRP A 421 2.25 15.90 9.11
C TRP A 421 1.25 15.35 8.11
N THR A 422 1.21 14.02 7.96
CA THR A 422 0.24 13.43 7.03
C THR A 422 -1.18 13.76 7.45
N THR A 423 -1.49 13.63 8.74
CA THR A 423 -2.84 13.91 9.21
C THR A 423 -3.22 15.35 8.97
N MET A 424 -2.30 16.28 9.22
CA MET A 424 -2.61 17.70 9.06
C MET A 424 -2.48 18.18 7.63
N LYS A 425 -1.98 17.35 6.71
CA LYS A 425 -1.85 17.74 5.31
C LYS A 425 -2.86 17.07 4.39
N PHE A 426 -3.43 15.94 4.78
CA PHE A 426 -4.33 15.21 3.89
C PHE A 426 -5.78 15.22 4.34
N ARG A 427 -6.06 15.27 5.64
CA ARG A 427 -7.41 15.15 6.15
C ARG A 427 -7.91 16.43 6.81
N ILE A 428 -7.42 17.59 6.39
CA ILE A 428 -7.84 18.85 6.99
C ILE A 428 -8.33 19.80 5.90
N VAL A 429 -7.84 19.62 4.67
CA VAL A 429 -8.18 20.52 3.59
C VAL A 429 -9.65 20.37 3.21
N THR A 430 -10.25 21.45 2.71
CA THR A 430 -11.61 21.38 2.21
C THR A 430 -11.74 20.31 1.14
N CYS A 431 -10.84 20.32 0.16
CA CYS A 431 -10.69 19.21 -0.76
C CYS A 431 -9.26 19.22 -1.27
N GLN A 432 -8.72 18.02 -1.49
CA GLN A 432 -7.31 17.87 -1.83
C GLN A 432 -7.06 18.49 -3.20
N SER A 433 -6.46 19.68 -3.21
CA SER A 433 -6.09 20.35 -4.45
C SER A 433 -4.75 19.87 -4.99
N ASP A 434 -4.06 19.00 -4.27
CA ASP A 434 -2.78 18.44 -4.70
C ASP A 434 -2.90 16.92 -4.73
N TRP A 435 -3.39 16.41 -5.86
CA TRP A 435 -3.60 14.98 -6.06
C TRP A 435 -2.35 14.22 -6.44
N ARG A 436 -1.27 14.92 -6.80
CA ARG A 436 -0.07 14.23 -7.25
C ARG A 436 0.52 13.35 -6.15
N GLU A 437 0.66 13.89 -4.94
CA GLU A 437 1.37 13.21 -3.86
C GLU A 437 0.43 12.54 -2.86
N LEU A 438 -0.44 11.65 -3.34
CA LEU A 438 -1.22 10.82 -2.42
C LEU A 438 -0.64 9.43 -2.23
N TRP A 439 0.30 9.01 -3.07
CA TRP A 439 0.91 7.70 -2.88
C TRP A 439 1.97 7.70 -1.79
N VAL A 440 2.33 8.87 -1.27
CA VAL A 440 3.38 8.96 -0.26
C VAL A 440 2.96 8.29 1.03
N ASP A 441 1.68 8.40 1.40
CA ASP A 441 1.21 7.83 2.66
C ASP A 441 1.38 6.33 2.73
N ASP A 442 1.46 5.65 1.57
CA ASP A 442 1.62 4.21 1.53
C ASP A 442 3.03 3.79 1.15
N ALA A 443 3.99 4.71 1.13
CA ALA A 443 5.35 4.38 0.76
C ALA A 443 6.35 4.87 1.80
N ILE A 444 6.01 5.93 2.52
CA ILE A 444 6.94 6.50 3.48
C ILE A 444 7.22 5.52 4.62
N TRP A 445 6.20 4.79 5.08
CA TRP A 445 6.40 3.85 6.18
C TRP A 445 7.42 2.78 5.81
N ARG A 446 7.32 2.24 4.60
CA ARG A 446 8.26 1.20 4.17
C ARG A 446 9.68 1.74 4.09
N LEU A 447 9.85 2.96 3.57
CA LEU A 447 11.19 3.54 3.52
C LEU A 447 11.77 3.75 4.92
N LEU A 448 10.94 4.24 5.85
CA LEU A 448 11.42 4.42 7.21
C LEU A 448 11.81 3.10 7.85
N PHE A 449 10.99 2.06 7.64
CA PHE A 449 11.32 0.75 8.18
C PHE A 449 12.62 0.22 7.59
N SER A 450 12.81 0.42 6.28
CA SER A 450 14.05 -0.03 5.65
C SER A 450 15.26 0.70 6.23
N MET A 451 15.13 2.00 6.44
CA MET A 451 16.24 2.76 7.03
C MET A 451 16.57 2.26 8.43
N ILE A 452 15.53 2.04 9.25
CA ILE A 452 15.78 1.55 10.60
C ILE A 452 16.43 0.17 10.56
N LEU A 453 15.96 -0.70 9.67
CA LEU A 453 16.54 -2.02 9.57
C LEU A 453 18.01 -1.95 9.13
N PHE A 454 18.31 -1.05 8.20
CA PHE A 454 19.69 -0.89 7.77
C PHE A 454 20.58 -0.42 8.92
N VAL A 455 20.09 0.54 9.71
CA VAL A 455 20.88 1.02 10.84
C VAL A 455 21.12 -0.11 11.84
N ILE A 456 20.06 -0.87 12.16
CA ILE A 456 20.22 -1.97 13.11
C ILE A 456 21.20 -3.00 12.57
N MET A 457 21.12 -3.32 11.28
CA MET A 457 22.06 -4.26 10.68
C MET A 457 23.49 -3.74 10.79
N VAL A 458 23.68 -2.44 10.57
CA VAL A 458 25.01 -1.87 10.68
C VAL A 458 25.52 -1.98 12.11
N LEU A 459 24.64 -1.86 13.09
CA LEU A 459 25.08 -1.99 14.49
C LEU A 459 25.64 -3.38 14.77
N TRP A 460 24.94 -4.42 14.30
CA TRP A 460 25.34 -5.80 14.58
C TRP A 460 26.09 -6.39 13.39
N ARG A 461 27.25 -5.82 13.10
CA ARG A 461 28.06 -6.38 12.02
C ARG A 461 28.89 -7.55 12.52
N PRO A 462 28.79 -8.73 11.93
CA PRO A 462 29.66 -9.84 12.34
C PRO A 462 31.12 -9.49 12.12
N SER A 463 31.97 -9.93 13.05
CA SER A 463 33.39 -9.64 12.99
C SER A 463 34.14 -10.77 13.67
N ALA A 464 35.48 -10.63 13.71
CA ALA A 464 36.30 -11.66 14.33
C ALA A 464 35.96 -11.82 15.81
N ASN A 465 35.78 -10.70 16.51
CA ASN A 465 35.44 -10.73 17.93
C ASN A 465 33.93 -10.71 18.15
N ASN A 466 33.24 -11.65 17.50
CA ASN A 466 31.79 -11.74 17.59
C ASN A 466 31.34 -12.60 18.76
N GLN A 467 31.85 -12.29 19.94
CA GLN A 467 31.43 -12.98 21.15
C GLN A 467 31.19 -12.03 22.32
N ARG A 468 31.52 -10.75 22.19
CA ARG A 468 31.26 -9.80 23.27
C ARG A 468 29.77 -9.71 23.57
N PHE A 469 28.92 -9.90 22.58
CA PHE A 469 27.47 -9.85 22.77
C PHE A 469 26.92 -11.22 23.18
N ALA A 470 27.49 -11.79 24.23
CA ALA A 470 27.06 -13.08 24.75
C ALA A 470 26.98 -13.00 26.27
N PHE A 471 26.17 -13.88 26.85
CA PHE A 471 25.98 -13.86 28.30
C PHE A 471 27.29 -14.09 29.03
N SER A 472 28.08 -15.07 28.57
CA SER A 472 29.37 -15.36 29.17
C SER A 472 29.21 -15.64 30.66
N PRO A 473 28.57 -16.76 31.03
CA PRO A 473 28.37 -17.12 32.45
C PRO A 473 29.69 -17.35 33.18
C1 NAG B . -30.73 9.99 -26.93
C2 NAG B . -31.85 10.80 -27.58
C3 NAG B . -31.68 12.29 -27.30
C4 NAG B . -31.57 12.53 -25.80
C5 NAG B . -30.45 11.67 -25.21
C6 NAG B . -30.36 11.77 -23.71
C7 NAG B . -33.04 10.52 -29.71
C8 NAG B . -34.29 10.76 -28.92
N2 NAG B . -31.90 10.56 -29.02
O3 NAG B . -32.77 13.01 -27.83
O4 NAG B . -31.32 13.90 -25.53
O5 NAG B . -30.68 10.29 -25.52
O6 NAG B . -31.65 11.74 -23.11
O7 NAG B . -33.07 10.32 -30.92
C1 NAG B . -32.56 14.49 -25.12
C2 NAG B . -32.38 16.00 -25.09
C3 NAG B . -33.62 16.66 -24.49
C4 NAG B . -34.82 15.72 -24.57
C5 NAG B . -34.83 14.90 -25.87
C6 NAG B . -35.01 15.75 -27.10
C7 NAG B . -30.29 17.25 -24.76
C8 NAG B . -30.56 17.86 -26.09
N2 NAG B . -31.20 16.36 -24.32
O3 NAG B . -33.90 17.86 -25.21
O4 NAG B . -34.81 14.84 -23.45
O5 NAG B . -33.60 14.17 -26.04
O6 NAG B . -35.68 16.97 -26.79
O7 NAG B . -29.30 17.54 -24.10
C1 NAG C . -0.93 11.14 -28.17
C2 NAG C . 0.08 11.85 -29.07
C3 NAG C . 0.12 11.18 -30.43
C4 NAG C . 0.38 9.69 -30.28
C5 NAG C . -0.62 9.07 -29.31
C6 NAG C . -0.32 7.62 -29.00
C7 NAG C . -1.42 13.71 -29.66
C8 NAG C . -1.59 15.19 -29.73
N2 NAG C . -0.25 13.26 -29.20
O3 NAG C . 1.15 11.78 -31.21
O4 NAG C . 0.26 9.05 -31.54
O5 NAG C . -0.59 9.77 -28.05
O6 NAG C . 0.74 7.49 -28.08
O7 NAG C . -2.32 12.93 -30.00
C1 NAG C . 1.55 8.95 -32.15
C2 NAG C . 1.47 7.96 -33.32
C3 NAG C . 2.81 7.88 -34.04
C4 NAG C . 3.27 9.26 -34.46
C5 NAG C . 3.28 10.20 -33.26
C6 NAG C . 3.62 11.63 -33.63
C7 NAG C . 0.42 5.77 -33.62
C8 NAG C . 0.06 4.47 -32.98
N2 NAG C . 1.06 6.65 -32.85
O3 NAG C . 2.68 7.04 -35.18
O4 NAG C . 4.58 9.19 -35.01
O5 NAG C . 1.99 10.23 -32.64
O6 NAG C . 2.46 12.46 -33.58
O7 NAG C . 0.13 6.02 -34.79
C1 NAG D . -30.12 -3.57 -39.41
C2 NAG D . -31.26 -3.10 -40.32
C3 NAG D . -30.76 -2.83 -41.74
C4 NAG D . -29.59 -1.86 -41.70
C5 NAG D . -28.50 -2.44 -40.82
C6 NAG D . -27.30 -1.53 -40.67
C7 NAG D . -33.51 -3.86 -39.68
C8 NAG D . -34.52 -4.96 -39.81
N2 NAG D . -32.35 -4.05 -40.33
O3 NAG D . -31.83 -2.26 -42.49
O4 NAG D . -29.10 -1.61 -43.02
O5 NAG D . -29.01 -2.65 -39.50
O6 NAG D . -27.63 -0.34 -39.97
O7 NAG D . -33.71 -2.84 -39.03
C1 NAG D . -29.30 -2.73 -43.90
C2 NAG D . -30.50 -2.46 -44.82
C3 NAG D . -30.28 -1.20 -45.66
C4 NAG D . -28.79 -0.96 -45.86
C5 NAG D . -28.08 -2.31 -45.98
C6 NAG D . -26.64 -2.18 -46.37
C7 NAG D . -31.18 -4.78 -45.19
C8 NAG D . -31.43 -5.86 -46.20
N2 NAG D . -30.79 -3.60 -45.67
O3 NAG D . -30.86 -0.08 -45.00
O4 NAG D . -28.57 -0.21 -47.04
O5 NAG D . -28.12 -2.97 -44.71
O6 NAG D . -26.34 -0.87 -46.86
O7 NAG D . -31.33 -4.98 -43.99
C1 BMA D . -29.53 -0.62 -48.05
C2 BMA D . -30.47 0.57 -48.33
C3 BMA D . -31.39 0.25 -49.52
C4 BMA D . -30.59 -0.28 -50.71
C5 BMA D . -29.74 -1.49 -50.27
C6 BMA D . -28.91 -2.06 -51.39
O2 BMA D . -29.73 1.72 -48.68
O3 BMA D . -32.15 1.39 -49.91
O4 BMA D . -31.46 -0.67 -51.75
O5 BMA D . -28.86 -1.05 -49.23
O6 BMA D . -28.37 -3.31 -50.96
C1 GCO E . 1.34 1.66 9.38
C2 GCO E . 2.66 1.23 10.01
C3 GCO E . 2.90 2.01 11.29
C4 GCO E . 4.29 1.68 11.84
C5 GCO E . 4.44 2.29 13.24
C6 GCO E . 5.83 2.74 13.71
O1A GCO E . 0.25 1.35 9.93
O1B GCO E . 1.34 2.32 8.31
O2 GCO E . 2.61 -0.15 10.30
O3 GCO E . 1.93 1.67 12.23
O4 GCO E . 4.42 0.28 11.93
O5 GCO E . 3.30 2.71 13.94
O6 GCO E . 6.48 1.67 14.34
H2 GCO E . 3.47 1.41 9.31
H3 GCO E . 2.85 3.08 11.08
H4 GCO E . 5.04 2.07 11.18
H5 GCO E . 4.39 3.25 12.73
H61 GCO E . 5.72 3.55 14.42
H62 GCO E . 6.41 3.08 12.86
HO2 GCO E . 2.53 -0.64 9.51
HO3 GCO E . 1.91 0.73 12.33
HO4 GCO E . 4.71 -0.06 11.10
HO5 GCO E . 3.20 2.20 14.72
HO6 GCO E . 7.40 1.87 14.43
#